data_3D2D
#
_entry.id   3D2D
#
_cell.length_a   98.938
_cell.length_b   93.649
_cell.length_c   63.155
_cell.angle_alpha   90.00
_cell.angle_beta   100.62
_cell.angle_gamma   90.00
#
_symmetry.space_group_name_H-M   'C 1 2 1'
#
loop_
_entity.id
_entity.type
_entity.pdbx_description
1 polymer 'berberine bridge-forming enzyme'
2 branched alpha-D-mannopyranose-(1-2)-alpha-D-mannopyranose-(1-2)-alpha-D-mannopyranose-(1-3)-alpha-D-mannopyranose-(1-4)-2-acetamido-2-deoxy-beta-D-glucopyranose-(1-4)-2-acetamido-2-deoxy-beta-D-glucopyranose
3 non-polymer 2-acetamido-2-deoxy-beta-D-glucopyranose
4 non-polymer 'FLAVIN-ADENINE DINUCLEOTIDE'
5 non-polymer (S)-reticuline
6 water water
#
_entity_poly.entity_id   1
_entity_poly.type   'polypeptide(L)'
_entity_poly.pdbx_seq_one_letter_code
;MENKTPIFFSLSIFLSLLNCAEAGNDLLSCLTFNGVRNHTVFSADSDSDFNRFLHLSIQNPLFQNSLISKPSAIILPGSK
EELSNTIRCIRKGSWTIRLRSGGHSYEGLSYTSDTPFILIDLMNLNRVSIDLESETAWVESGSTLGELYYAITESSSKLG
FTAGWCPTVGTGGHISGGGFGMMSRKYGLAADNVVDAILIDANGAILDRQAMGEDVFWAIRGGGGGVWGAIYAWKIKLLP
VPEKVTVFRVTKNVAIDEATSLLHKWQFVAEELEEDFTLSVLGGADEKQVWLTMLGFHFGLKTVAKSTFDLLFPELGLVE
EDYLEMSWGESFAYLAGLETVSQLNNRFLKFDERAFKTKVDLTKEPLPSKAFYGLLERLSKEPNGFIALNGFGGQMSKIS
SDFTPFPHRSGTRLMVEYIVAWNQSEQKKKTEFLDWLEKVYEFMKPFVSKNPRLGYVNHIDLDLGGIDWGNKTVVNNAIE
ISRSWGESYFLSNYERLIRAKTLIDPNNVFNHPQSIPPMANFDYLEKTLGSDGGEVVI
;
_entity_poly.pdbx_strand_id   A
#
loop_
_chem_comp.id
_chem_comp.type
_chem_comp.name
_chem_comp.formula
FAD non-polymer 'FLAVIN-ADENINE DINUCLEOTIDE' 'C27 H33 N9 O15 P2'
MAN D-saccharide, alpha linking alpha-D-mannopyranose 'C6 H12 O6'
NAG D-saccharide, beta linking 2-acetamido-2-deoxy-beta-D-glucopyranose 'C8 H15 N O6'
REN non-polymer (S)-reticuline 'C19 H23 N O4'
#
# COMPACT_ATOMS: atom_id res chain seq x y z
N ALA A 21 15.30 9.43 24.53
CA ALA A 21 16.65 8.87 24.44
C ALA A 21 17.43 9.46 23.27
N GLU A 22 18.53 10.12 23.59
CA GLU A 22 19.38 10.76 22.58
C GLU A 22 20.06 9.73 21.69
N ALA A 23 20.67 10.20 20.60
CA ALA A 23 21.49 9.34 19.75
C ALA A 23 22.95 9.65 20.01
N GLY A 24 23.53 8.99 21.00
CA GLY A 24 24.84 9.34 21.51
C GLY A 24 26.02 8.94 20.64
N ASN A 25 27.21 8.98 21.24
CA ASN A 25 28.44 8.65 20.53
C ASN A 25 28.61 7.16 20.26
N ASP A 26 27.94 6.32 21.04
CA ASP A 26 27.99 4.87 20.82
C ASP A 26 27.36 4.50 19.49
N LEU A 27 26.11 4.91 19.30
CA LEU A 27 25.37 4.63 18.08
C LEU A 27 26.11 5.17 16.87
N LEU A 28 26.49 6.43 16.95
CA LEU A 28 27.20 7.08 15.85
C LEU A 28 28.53 6.38 15.58
N SER A 29 29.28 6.09 16.63
CA SER A 29 30.57 5.43 16.46
C SER A 29 30.37 4.07 15.83
N CYS A 30 29.30 3.39 16.24
CA CYS A 30 28.96 2.09 15.68
C CYS A 30 28.68 2.20 14.19
N LEU A 31 27.91 3.21 13.79
CA LEU A 31 27.63 3.44 12.38
C LEU A 31 28.90 3.83 11.62
N THR A 32 29.66 4.76 12.18
CA THR A 32 30.92 5.19 11.58
C THR A 32 31.85 4.00 11.39
N PHE A 33 31.96 3.19 12.43
CA PHE A 33 32.81 2.01 12.39
C PHE A 33 32.38 1.07 11.27
N ASN A 34 31.06 0.86 11.17
CA ASN A 34 30.51 -0.08 10.20
C ASN A 34 30.36 0.49 8.79
N GLY A 35 30.80 1.73 8.61
CA GLY A 35 30.80 2.33 7.29
C GLY A 35 29.44 2.83 6.83
N VAL A 36 28.49 2.96 7.76
CA VAL A 36 27.19 3.54 7.44
C VAL A 36 27.25 5.04 7.62
N ARG A 37 27.83 5.73 6.64
CA ARG A 37 28.17 7.14 6.78
C ARG A 37 27.01 8.10 6.56
N ASN A 38 25.93 7.60 5.96
CA ASN A 38 24.80 8.48 5.65
C ASN A 38 23.70 8.44 6.71
N HIS A 39 23.75 9.42 7.60
CA HIS A 39 22.79 9.48 8.69
C HIS A 39 22.86 10.84 9.36
N THR A 40 21.70 11.35 9.79
CA THR A 40 21.65 12.60 10.50
C THR A 40 20.95 12.39 11.83
N VAL A 41 21.28 13.25 12.78
CA VAL A 41 20.70 13.14 14.12
C VAL A 41 19.59 14.15 14.28
N PHE A 42 18.69 13.91 15.22
CA PHE A 42 17.55 14.78 15.43
C PHE A 42 17.95 16.25 15.50
N SER A 43 17.14 17.10 14.88
CA SER A 43 17.40 18.53 14.90
C SER A 43 16.10 19.31 15.06
N ALA A 44 16.07 20.19 16.06
CA ALA A 44 14.92 21.06 16.27
C ALA A 44 14.83 22.08 15.14
N ASP A 45 15.95 22.29 14.44
CA ASP A 45 15.99 23.20 13.30
C ASP A 45 15.00 22.80 12.23
N SER A 46 14.78 23.69 11.27
CA SER A 46 13.89 23.41 10.15
C SER A 46 14.69 23.44 8.85
N ASP A 47 15.81 24.16 8.87
CA ASP A 47 16.68 24.26 7.71
C ASP A 47 17.64 23.08 7.69
N SER A 48 17.44 22.15 8.63
CA SER A 48 18.39 21.05 8.81
C SER A 48 18.11 19.91 7.85
N ASP A 49 19.15 19.13 7.55
CA ASP A 49 19.01 17.99 6.67
C ASP A 49 18.10 16.95 7.32
N PHE A 50 18.29 16.76 8.64
CA PHE A 50 17.45 15.84 9.38
C PHE A 50 15.98 16.08 9.12
N ASN A 51 15.51 17.28 9.44
CA ASN A 51 14.11 17.59 9.25
C ASN A 51 13.70 17.47 7.79
N ARG A 52 14.64 17.75 6.89
CA ARG A 52 14.36 17.70 5.47
C ARG A 52 14.16 16.26 5.00
N PHE A 53 15.07 15.38 5.40
CA PHE A 53 14.98 13.96 5.05
C PHE A 53 13.78 13.31 5.73
N LEU A 54 13.42 13.83 6.90
CA LEU A 54 12.27 13.34 7.64
C LEU A 54 10.98 13.64 6.90
N HIS A 55 10.80 14.89 6.50
CA HIS A 55 9.58 15.32 5.84
C HIS A 55 9.64 15.03 4.35
N LEU A 56 10.72 14.38 3.94
CA LEU A 56 10.94 14.08 2.53
C LEU A 56 10.03 12.93 2.09
N SER A 57 9.72 12.01 3.00
CA SER A 57 8.92 10.85 2.65
C SER A 57 7.68 10.72 3.53
N ILE A 58 7.27 11.82 4.14
CA ILE A 58 5.99 11.87 4.83
C ILE A 58 4.89 12.11 3.80
N GLN A 59 4.37 11.02 3.25
CA GLN A 59 3.40 11.11 2.16
C GLN A 59 1.99 11.46 2.64
N ASN A 60 1.81 11.54 3.95
CA ASN A 60 0.53 11.95 4.52
C ASN A 60 0.71 13.14 5.45
N PRO A 61 0.50 14.36 4.92
CA PRO A 61 0.66 15.61 5.67
C PRO A 61 -0.10 15.56 7.00
N LEU A 62 -1.00 14.60 7.15
CA LEU A 62 -1.72 14.43 8.40
C LEU A 62 -0.74 14.25 9.55
N PHE A 63 0.49 13.88 9.21
CA PHE A 63 1.50 13.57 10.21
C PHE A 63 2.71 14.51 10.13
N GLN A 64 2.57 15.61 9.39
CA GLN A 64 3.64 16.59 9.29
C GLN A 64 3.62 17.54 10.49
N ASN A 65 2.61 17.38 11.35
CA ASN A 65 2.44 18.22 12.53
C ASN A 65 3.72 18.27 13.37
N SER A 66 3.96 19.43 13.99
CA SER A 66 5.17 19.62 14.78
C SER A 66 5.06 18.95 16.15
N LEU A 67 3.92 18.32 16.42
CA LEU A 67 3.68 17.66 17.70
C LEU A 67 3.82 16.15 17.59
N ILE A 68 3.89 15.65 16.37
CA ILE A 68 4.03 14.21 16.13
C ILE A 68 5.39 13.70 16.62
N SER A 69 5.57 12.38 16.59
CA SER A 69 6.82 11.74 16.98
C SER A 69 7.93 11.97 15.96
N LYS A 70 9.14 12.21 16.45
CA LYS A 70 10.30 12.44 15.59
C LYS A 70 11.50 11.62 16.07
N PRO A 71 12.23 11.03 15.11
CA PRO A 71 13.33 10.09 15.38
C PRO A 71 14.51 10.79 16.04
N SER A 72 15.34 10.01 16.74
CA SER A 72 16.54 10.56 17.35
C SER A 72 17.61 10.70 16.29
N ALA A 73 17.48 9.89 15.25
CA ALA A 73 18.39 9.93 14.10
C ALA A 73 17.71 9.31 12.90
N ILE A 74 18.16 9.69 11.71
CA ILE A 74 17.69 9.09 10.48
C ILE A 74 18.90 8.56 9.72
N ILE A 75 18.88 7.26 9.43
CA ILE A 75 20.00 6.59 8.78
C ILE A 75 19.58 6.13 7.40
N LEU A 76 20.44 6.39 6.41
CA LEU A 76 20.16 6.01 5.03
C LEU A 76 21.21 5.05 4.50
N PRO A 77 21.09 3.77 4.85
CA PRO A 77 22.02 2.72 4.39
C PRO A 77 22.00 2.61 2.87
N GLY A 78 23.10 2.15 2.28
CA GLY A 78 23.20 2.07 0.83
C GLY A 78 23.52 0.68 0.32
N SER A 79 23.54 -0.28 1.24
CA SER A 79 23.79 -1.67 0.88
C SER A 79 23.13 -2.58 1.89
N LYS A 80 22.99 -3.86 1.55
CA LYS A 80 22.36 -4.82 2.46
C LYS A 80 23.17 -4.98 3.75
N GLU A 81 24.49 -4.94 3.64
CA GLU A 81 25.33 -5.05 4.84
C GLU A 81 25.32 -3.77 5.68
N GLU A 82 25.12 -2.62 5.04
CA GLU A 82 24.97 -1.38 5.79
C GLU A 82 23.63 -1.41 6.52
N LEU A 83 22.65 -2.01 5.86
CA LEU A 83 21.34 -2.20 6.46
C LEU A 83 21.44 -3.15 7.65
N SER A 84 22.13 -4.28 7.45
CA SER A 84 22.37 -5.24 8.53
C SER A 84 23.04 -4.57 9.73
N ASN A 85 24.14 -3.87 9.47
CA ASN A 85 24.89 -3.19 10.53
C ASN A 85 24.08 -2.09 11.21
N THR A 86 23.24 -1.41 10.43
CA THR A 86 22.39 -0.38 10.98
C THR A 86 21.48 -0.98 12.04
N ILE A 87 20.82 -2.08 11.70
CA ILE A 87 19.98 -2.80 12.67
C ILE A 87 20.81 -3.28 13.84
N ARG A 88 22.04 -3.72 13.56
CA ARG A 88 22.93 -4.21 14.61
C ARG A 88 23.29 -3.11 15.60
N CYS A 89 23.60 -1.93 15.08
CA CYS A 89 24.01 -0.80 15.92
C CYS A 89 22.85 -0.32 16.79
N ILE A 90 21.67 -0.22 16.19
CA ILE A 90 20.47 0.21 16.90
C ILE A 90 20.12 -0.77 18.01
N ARG A 91 20.48 -2.03 17.81
CA ARG A 91 20.18 -3.08 18.79
C ARG A 91 21.04 -2.97 20.05
N LYS A 92 22.14 -2.23 19.94
CA LYS A 92 23.00 -1.98 21.09
C LYS A 92 22.34 -1.00 22.07
N GLY A 93 21.36 -0.25 21.58
CA GLY A 93 20.60 0.67 22.41
C GLY A 93 19.18 0.20 22.65
N SER A 94 18.33 1.10 23.15
CA SER A 94 16.95 0.76 23.49
C SER A 94 15.96 1.28 22.47
N TRP A 95 16.46 1.97 21.45
CA TRP A 95 15.59 2.61 20.45
C TRP A 95 14.63 1.64 19.78
N THR A 96 13.46 2.15 19.40
CA THR A 96 12.55 1.42 18.54
C THR A 96 13.01 1.57 17.10
N ILE A 97 12.91 0.49 16.33
CA ILE A 97 13.32 0.53 14.94
C ILE A 97 12.14 0.93 14.05
N ARG A 98 12.38 1.89 13.17
CA ARG A 98 11.38 2.29 12.19
C ARG A 98 11.95 2.26 10.77
N LEU A 99 11.37 1.41 9.93
CA LEU A 99 11.80 1.30 8.55
C LEU A 99 10.90 2.15 7.65
N ARG A 100 11.49 2.77 6.64
CA ARG A 100 10.72 3.56 5.70
C ARG A 100 11.22 3.38 4.27
N SER A 101 10.32 3.04 3.37
CA SER A 101 10.64 2.91 1.97
C SER A 101 10.12 4.15 1.23
N GLY A 102 8.81 4.18 0.97
CA GLY A 102 8.19 5.32 0.32
C GLY A 102 7.52 6.25 1.31
N GLY A 103 7.24 5.74 2.51
CA GLY A 103 6.60 6.51 3.55
C GLY A 103 5.13 6.78 3.30
N HIS A 104 4.46 5.88 2.59
CA HIS A 104 3.05 6.06 2.25
C HIS A 104 2.09 5.42 3.24
N SER A 105 2.60 5.03 4.41
CA SER A 105 1.77 4.44 5.45
C SER A 105 0.59 5.35 5.77
N TYR A 106 -0.64 4.84 5.65
CA TYR A 106 -1.81 5.66 5.92
C TYR A 106 -1.80 6.17 7.37
N GLU A 107 -1.04 5.50 8.22
CA GLU A 107 -0.94 5.89 9.62
C GLU A 107 0.45 6.38 9.97
N GLY A 108 1.30 6.56 8.96
CA GLY A 108 2.65 7.04 9.16
C GLY A 108 3.42 6.20 10.16
N LEU A 109 3.22 4.89 10.08
CA LEU A 109 3.85 3.94 10.99
C LEU A 109 5.29 3.64 10.64
N SER A 110 5.85 4.43 9.73
CA SER A 110 7.22 4.22 9.28
C SER A 110 8.11 5.37 9.72
N TYR A 111 7.49 6.39 10.29
CA TYR A 111 8.22 7.56 10.76
C TYR A 111 7.58 8.15 12.01
N THR A 112 6.83 7.31 12.73
CA THR A 112 6.30 7.69 14.04
C THR A 112 6.37 6.54 15.03
N SER A 113 6.41 6.87 16.31
CA SER A 113 6.31 5.88 17.38
C SER A 113 6.28 6.55 18.74
N ASP A 114 5.48 5.99 19.65
CA ASP A 114 5.35 6.51 21.00
C ASP A 114 6.70 6.61 21.69
N THR A 115 7.49 5.54 21.56
CA THR A 115 8.80 5.47 22.18
C THR A 115 9.88 6.08 21.29
N PRO A 116 10.99 6.52 21.89
CA PRO A 116 12.15 7.01 21.13
C PRO A 116 12.56 5.98 20.10
N PHE A 117 12.75 6.42 18.86
CA PHE A 117 13.05 5.48 17.79
C PHE A 117 14.12 6.01 16.84
N ILE A 118 14.69 5.08 16.06
CA ILE A 118 15.65 5.41 15.03
C ILE A 118 14.97 5.18 13.69
N LEU A 119 15.09 6.14 12.78
CA LEU A 119 14.43 6.03 11.49
C LEU A 119 15.39 5.54 10.42
N ILE A 120 15.13 4.33 9.90
CA ILE A 120 15.95 3.77 8.84
C ILE A 120 15.29 4.03 7.50
N ASP A 121 15.73 5.08 6.82
CA ASP A 121 15.21 5.41 5.51
C ASP A 121 15.93 4.58 4.45
N LEU A 122 15.17 3.90 3.61
CA LEU A 122 15.74 2.97 2.65
C LEU A 122 15.80 3.55 1.23
N MET A 123 15.71 4.87 1.10
CA MET A 123 15.65 5.49 -0.21
C MET A 123 16.92 5.28 -1.04
N ASN A 124 18.06 5.12 -0.37
CA ASN A 124 19.32 4.87 -1.07
C ASN A 124 19.39 3.46 -1.62
N LEU A 125 18.48 2.61 -1.15
CA LEU A 125 18.36 1.26 -1.66
C LEU A 125 17.28 1.25 -2.74
N ASN A 126 17.54 1.93 -3.85
CA ASN A 126 16.57 2.05 -4.93
C ASN A 126 17.02 1.43 -6.26
N ARG A 127 17.83 0.38 -6.19
CA ARG A 127 18.32 -0.28 -7.39
C ARG A 127 17.41 -1.41 -7.82
N VAL A 128 17.09 -1.44 -9.10
CA VAL A 128 16.33 -2.55 -9.67
C VAL A 128 17.21 -3.30 -10.66
N SER A 129 17.46 -4.58 -10.39
CA SER A 129 18.25 -5.42 -11.29
C SER A 129 17.36 -6.39 -12.05
N ILE A 130 17.12 -6.06 -13.31
CA ILE A 130 16.25 -6.88 -14.15
C ILE A 130 17.03 -7.92 -14.94
N ASP A 131 16.57 -9.17 -14.86
CA ASP A 131 17.17 -10.28 -15.59
C ASP A 131 16.21 -10.68 -16.69
N LEU A 132 16.59 -10.39 -17.94
CA LEU A 132 15.72 -10.70 -19.08
C LEU A 132 15.73 -12.18 -19.47
N GLU A 133 16.65 -12.94 -18.88
CA GLU A 133 16.72 -14.38 -19.18
C GLU A 133 15.69 -15.15 -18.37
N SER A 134 15.64 -14.89 -17.07
CA SER A 134 14.65 -15.53 -16.21
C SER A 134 13.36 -14.73 -16.17
N GLU A 135 13.41 -13.50 -16.68
CA GLU A 135 12.30 -12.57 -16.60
C GLU A 135 11.86 -12.35 -15.16
N THR A 136 12.85 -12.13 -14.30
CA THR A 136 12.62 -11.78 -12.91
C THR A 136 13.41 -10.52 -12.61
N ALA A 137 13.24 -9.98 -11.41
CA ALA A 137 13.95 -8.75 -11.04
C ALA A 137 14.24 -8.72 -9.54
N TRP A 138 15.45 -8.26 -9.21
CA TRP A 138 15.80 -8.00 -7.82
C TRP A 138 15.58 -6.53 -7.49
N VAL A 139 14.45 -6.26 -6.86
CA VAL A 139 14.06 -4.90 -6.51
C VAL A 139 14.44 -4.59 -5.08
N GLU A 140 15.31 -3.60 -4.89
CA GLU A 140 15.66 -3.16 -3.54
C GLU A 140 14.44 -2.50 -2.89
N SER A 141 14.21 -2.83 -1.62
CA SER A 141 13.05 -2.36 -0.87
C SER A 141 12.87 -0.84 -0.87
N GLY A 142 13.93 -0.11 -1.17
CA GLY A 142 13.83 1.33 -1.28
C GLY A 142 13.11 1.72 -2.54
N SER A 143 13.36 0.97 -3.62
CA SER A 143 12.73 1.23 -4.91
C SER A 143 11.22 1.37 -4.78
N THR A 144 10.68 2.43 -5.35
CA THR A 144 9.23 2.62 -5.36
C THR A 144 8.62 1.95 -6.58
N LEU A 145 7.30 1.76 -6.53
CA LEU A 145 6.56 1.21 -7.66
C LEU A 145 6.96 1.93 -8.94
N GLY A 146 6.89 3.25 -8.94
CA GLY A 146 7.24 4.05 -10.11
C GLY A 146 8.61 3.73 -10.66
N GLU A 147 9.63 3.80 -9.79
CA GLU A 147 11.00 3.53 -10.20
C GLU A 147 11.16 2.10 -10.70
N LEU A 148 10.36 1.20 -10.15
CA LEU A 148 10.34 -0.18 -10.61
C LEU A 148 9.70 -0.26 -11.99
N TYR A 149 8.48 0.26 -12.11
CA TYR A 149 7.77 0.24 -13.37
C TYR A 149 8.63 0.82 -14.48
N TYR A 150 9.36 1.88 -14.16
CA TYR A 150 10.24 2.52 -15.12
C TYR A 150 11.33 1.56 -15.58
N ALA A 151 11.94 0.88 -14.62
CA ALA A 151 13.00 -0.06 -14.92
C ALA A 151 12.51 -1.14 -15.87
N ILE A 152 11.30 -1.62 -15.62
CA ILE A 152 10.74 -2.70 -16.43
C ILE A 152 10.50 -2.28 -17.86
N THR A 153 9.90 -1.09 -18.06
CA THR A 153 9.64 -0.59 -19.41
C THR A 153 10.92 -0.11 -20.09
N GLU A 154 11.92 0.25 -19.30
CA GLU A 154 13.23 0.61 -19.83
C GLU A 154 13.92 -0.60 -20.41
N SER A 155 13.49 -1.79 -19.98
CA SER A 155 14.17 -3.02 -20.37
C SER A 155 13.37 -3.85 -21.35
N SER A 156 12.05 -3.68 -21.34
CA SER A 156 11.20 -4.51 -22.17
C SER A 156 9.83 -3.89 -22.40
N SER A 157 9.28 -4.15 -23.58
CA SER A 157 7.95 -3.66 -23.93
C SER A 157 6.93 -4.78 -23.77
N LYS A 158 7.41 -5.97 -23.43
CA LYS A 158 6.57 -7.16 -23.31
C LYS A 158 6.50 -7.61 -21.86
N LEU A 159 7.08 -6.82 -20.97
CA LEU A 159 7.13 -7.15 -19.55
C LEU A 159 6.54 -6.04 -18.70
N GLY A 160 5.93 -6.41 -17.58
CA GLY A 160 5.37 -5.47 -16.63
C GLY A 160 5.38 -6.07 -15.24
N PHE A 161 4.65 -5.46 -14.31
CA PHE A 161 4.53 -6.04 -12.97
C PHE A 161 3.25 -5.54 -12.31
N THR A 162 2.64 -6.39 -11.49
CA THR A 162 1.39 -6.04 -10.85
C THR A 162 1.60 -5.44 -9.46
N ALA A 163 1.01 -4.27 -9.26
CA ALA A 163 1.11 -3.58 -7.98
C ALA A 163 0.30 -2.29 -8.04
N GLY A 164 0.39 -1.49 -6.99
CA GLY A 164 -0.41 -0.28 -6.87
C GLY A 164 -0.18 0.71 -8.00
N TRP A 165 -1.07 1.68 -8.11
CA TRP A 165 -0.96 2.68 -9.15
C TRP A 165 -0.10 3.85 -8.71
N CYS A 166 0.12 3.98 -7.40
CA CYS A 166 0.91 5.08 -6.85
C CYS A 166 2.41 4.88 -7.05
N PRO A 167 2.99 5.66 -7.97
CA PRO A 167 4.40 5.58 -8.38
C PRO A 167 5.38 6.00 -7.28
N THR A 168 4.89 6.63 -6.22
CA THR A 168 5.78 7.06 -5.14
C THR A 168 5.74 6.08 -3.96
N VAL A 169 4.78 5.18 -3.99
CA VAL A 169 4.69 4.12 -2.99
C VAL A 169 5.91 3.22 -3.10
N GLY A 170 6.60 3.00 -2.00
CA GLY A 170 7.79 2.17 -2.02
C GLY A 170 7.45 0.69 -2.01
N THR A 171 8.25 -0.11 -2.71
CA THR A 171 8.03 -1.55 -2.71
C THR A 171 8.34 -2.14 -1.35
N GLY A 172 9.01 -1.36 -0.51
CA GLY A 172 9.36 -1.81 0.83
C GLY A 172 8.14 -2.23 1.63
N GLY A 173 7.21 -1.30 1.83
CA GLY A 173 6.03 -1.57 2.63
C GLY A 173 4.86 -2.00 1.78
N HIS A 174 4.96 -1.80 0.48
CA HIS A 174 3.86 -2.11 -0.42
C HIS A 174 3.78 -3.61 -0.66
N ILE A 175 4.88 -4.19 -1.14
CA ILE A 175 4.93 -5.62 -1.38
C ILE A 175 4.87 -6.39 -0.07
N SER A 176 5.28 -5.74 1.02
CA SER A 176 5.24 -6.36 2.34
C SER A 176 3.81 -6.57 2.81
N GLY A 177 2.91 -5.73 2.32
CA GLY A 177 1.51 -5.80 2.73
C GLY A 177 0.65 -6.52 1.71
N GLY A 178 1.20 -6.72 0.53
CA GLY A 178 0.49 -7.39 -0.54
C GLY A 178 0.83 -6.72 -1.86
N GLY A 179 0.12 -5.63 -2.16
CA GLY A 179 0.32 -4.90 -3.40
C GLY A 179 -0.80 -5.16 -4.39
N PHE A 180 -1.90 -4.43 -4.25
CA PHE A 180 -3.04 -4.56 -5.15
C PHE A 180 -3.08 -3.41 -6.17
N GLY A 181 -3.27 -3.74 -7.44
CA GLY A 181 -3.26 -2.74 -8.49
C GLY A 181 -4.26 -3.00 -9.61
N MET A 182 -4.03 -2.38 -10.76
CA MET A 182 -4.92 -2.49 -11.91
C MET A 182 -4.75 -3.81 -12.66
N MET A 183 -3.70 -4.56 -12.34
CA MET A 183 -3.46 -5.83 -13.02
C MET A 183 -3.62 -7.03 -12.09
N SER A 184 -4.06 -6.78 -10.86
CA SER A 184 -4.23 -7.84 -9.88
C SER A 184 -5.35 -8.80 -10.26
N ARG A 185 -6.28 -8.33 -11.08
CA ARG A 185 -7.32 -9.21 -11.60
C ARG A 185 -6.72 -10.17 -12.61
N LYS A 186 -5.51 -9.85 -13.07
CA LYS A 186 -4.84 -10.66 -14.08
C LYS A 186 -3.66 -11.44 -13.52
N TYR A 187 -3.09 -10.94 -12.42
CA TYR A 187 -1.84 -11.49 -11.90
C TYR A 187 -1.82 -11.61 -10.38
N GLY A 188 -2.88 -11.17 -9.72
CA GLY A 188 -2.91 -11.15 -8.27
C GLY A 188 -2.10 -10.00 -7.71
N LEU A 189 -1.82 -10.05 -6.41
CA LEU A 189 -1.06 -8.98 -5.76
C LEU A 189 0.42 -9.03 -6.14
N ALA A 190 1.17 -8.02 -5.70
CA ALA A 190 2.61 -7.99 -5.93
C ALA A 190 3.26 -9.18 -5.24
N ALA A 191 2.93 -9.36 -3.96
CA ALA A 191 3.49 -10.43 -3.15
C ALA A 191 3.13 -11.82 -3.68
N ASP A 192 2.10 -11.89 -4.51
CA ASP A 192 1.76 -13.16 -5.14
C ASP A 192 2.80 -13.52 -6.21
N ASN A 193 3.66 -12.56 -6.53
CA ASN A 193 4.65 -12.77 -7.58
C ASN A 193 6.09 -12.60 -7.11
N VAL A 194 6.31 -12.84 -5.82
CA VAL A 194 7.64 -12.82 -5.24
C VAL A 194 8.18 -14.24 -5.18
N VAL A 195 9.31 -14.49 -5.83
CA VAL A 195 9.89 -15.83 -5.91
C VAL A 195 11.05 -16.00 -4.93
N ASP A 196 11.61 -14.87 -4.51
CA ASP A 196 12.71 -14.86 -3.54
C ASP A 196 12.80 -13.46 -2.94
N ALA A 197 13.55 -13.32 -1.86
CA ALA A 197 13.75 -12.02 -1.23
C ALA A 197 14.85 -12.11 -0.17
N ILE A 198 15.38 -10.95 0.20
CA ILE A 198 16.41 -10.88 1.21
C ILE A 198 15.91 -10.15 2.44
N LEU A 199 15.69 -10.89 3.51
CA LEU A 199 15.22 -10.31 4.76
C LEU A 199 16.37 -10.24 5.77
N ILE A 200 16.44 -9.12 6.48
CA ILE A 200 17.46 -8.92 7.49
C ILE A 200 16.82 -8.88 8.86
N ASP A 201 17.07 -9.92 9.66
CA ASP A 201 16.40 -10.09 10.93
C ASP A 201 16.94 -9.17 12.02
N ALA A 202 16.48 -9.40 13.25
CA ALA A 202 16.82 -8.56 14.39
C ALA A 202 18.32 -8.57 14.68
N ASN A 203 19.00 -9.64 14.27
CA ASN A 203 20.42 -9.77 14.50
C ASN A 203 21.25 -9.34 13.29
N GLY A 204 20.57 -8.79 12.29
CA GLY A 204 21.23 -8.33 11.09
C GLY A 204 21.59 -9.49 10.19
N ALA A 205 21.08 -10.67 10.54
CA ALA A 205 21.30 -11.85 9.72
C ALA A 205 20.67 -11.65 8.35
N ILE A 206 21.50 -11.74 7.31
CA ILE A 206 21.02 -11.56 5.95
C ILE A 206 20.51 -12.88 5.42
N LEU A 207 19.19 -12.98 5.24
CA LEU A 207 18.55 -14.24 4.91
C LEU A 207 17.82 -14.20 3.58
N ASP A 208 18.10 -15.17 2.72
CA ASP A 208 17.32 -15.34 1.50
C ASP A 208 16.15 -16.27 1.80
N ARG A 209 15.35 -16.58 0.78
CA ARG A 209 14.20 -17.46 0.95
C ARG A 209 14.60 -18.82 1.52
N GLN A 210 15.74 -19.34 1.08
CA GLN A 210 16.20 -20.64 1.55
C GLN A 210 16.67 -20.57 2.99
N ALA A 211 17.30 -19.46 3.35
CA ALA A 211 17.82 -19.26 4.70
C ALA A 211 16.73 -18.93 5.72
N MET A 212 15.73 -18.16 5.29
CA MET A 212 14.68 -17.71 6.21
C MET A 212 13.61 -18.77 6.40
N GLY A 213 13.54 -19.72 5.47
CA GLY A 213 12.54 -20.76 5.54
C GLY A 213 11.20 -20.33 4.98
N GLU A 214 10.38 -21.32 4.62
CA GLU A 214 9.13 -21.05 3.90
C GLU A 214 8.07 -20.36 4.75
N ASP A 215 8.03 -20.65 6.04
CA ASP A 215 7.05 -20.02 6.93
C ASP A 215 7.23 -18.50 6.99
N VAL A 216 8.49 -18.06 6.97
CA VAL A 216 8.78 -16.63 7.05
C VAL A 216 8.70 -15.93 5.70
N PHE A 217 9.29 -16.56 4.68
CA PHE A 217 9.21 -16.06 3.31
C PHE A 217 7.75 -15.94 2.87
N TRP A 218 6.91 -16.78 3.44
CA TRP A 218 5.47 -16.69 3.22
C TRP A 218 4.94 -15.45 3.92
N ALA A 219 5.33 -15.29 5.18
CA ALA A 219 4.81 -14.20 6.01
C ALA A 219 5.09 -12.83 5.41
N ILE A 220 6.32 -12.62 4.96
CA ILE A 220 6.74 -11.30 4.47
C ILE A 220 5.98 -10.84 3.23
N ARG A 221 5.28 -11.75 2.57
CA ARG A 221 4.59 -11.42 1.33
C ARG A 221 3.12 -11.05 1.54
N GLY A 222 2.89 -10.12 2.46
CA GLY A 222 1.54 -9.66 2.74
C GLY A 222 1.21 -9.69 4.21
N GLY A 223 2.12 -10.22 5.01
CA GLY A 223 1.94 -10.25 6.45
C GLY A 223 2.08 -8.88 7.09
N GLY A 224 2.57 -7.91 6.32
CA GLY A 224 2.72 -6.56 6.80
C GLY A 224 4.16 -6.08 6.80
N GLY A 225 4.35 -4.79 7.01
CA GLY A 225 5.68 -4.22 7.07
C GLY A 225 6.10 -3.92 8.50
N GLY A 226 7.41 -3.79 8.72
CA GLY A 226 7.94 -3.46 10.04
C GLY A 226 7.54 -4.48 11.09
N VAL A 227 7.56 -5.76 10.71
CA VAL A 227 7.08 -6.82 11.58
C VAL A 227 8.05 -8.00 11.61
N TRP A 228 8.61 -8.32 10.45
CA TRP A 228 9.41 -9.52 10.30
C TRP A 228 10.89 -9.21 10.28
N GLY A 229 11.20 -7.96 9.98
CA GLY A 229 12.57 -7.53 9.80
C GLY A 229 12.67 -6.58 8.63
N ALA A 230 13.89 -6.26 8.24
CA ALA A 230 14.11 -5.32 7.15
C ALA A 230 14.28 -6.06 5.83
N ILE A 231 13.28 -5.97 4.97
CA ILE A 231 13.44 -6.47 3.63
C ILE A 231 14.51 -5.62 2.97
N TYR A 232 15.60 -6.26 2.54
CA TYR A 232 16.61 -5.53 1.78
C TYR A 232 16.24 -5.49 0.31
N ALA A 233 15.70 -6.60 -0.21
CA ALA A 233 15.34 -6.65 -1.62
C ALA A 233 14.27 -7.69 -1.91
N TRP A 234 13.47 -7.44 -2.94
CA TRP A 234 12.50 -8.41 -3.40
C TRP A 234 13.00 -9.02 -4.70
N LYS A 235 12.75 -10.31 -4.89
CA LYS A 235 12.94 -10.92 -6.20
C LYS A 235 11.59 -11.26 -6.81
N ILE A 236 11.14 -10.42 -7.74
CA ILE A 236 9.83 -10.59 -8.35
C ILE A 236 9.90 -11.29 -9.71
N LYS A 237 8.85 -12.03 -10.04
CA LYS A 237 8.72 -12.56 -11.38
C LYS A 237 8.12 -11.46 -12.24
N LEU A 238 8.81 -11.10 -13.32
CA LEU A 238 8.27 -10.12 -14.25
C LEU A 238 7.16 -10.76 -15.05
N LEU A 239 6.13 -9.98 -15.39
CA LEU A 239 4.92 -10.51 -15.99
C LEU A 239 4.76 -10.08 -17.44
N PRO A 240 4.30 -11.00 -18.31
CA PRO A 240 4.08 -10.67 -19.71
C PRO A 240 3.00 -9.60 -19.86
N VAL A 241 3.23 -8.64 -20.76
CA VAL A 241 2.20 -7.65 -21.11
C VAL A 241 2.30 -7.35 -22.59
N PRO A 242 1.16 -7.25 -23.29
CA PRO A 242 1.22 -6.95 -24.72
C PRO A 242 1.91 -5.61 -24.93
N GLU A 243 2.54 -5.42 -26.08
CA GLU A 243 3.23 -4.17 -26.37
C GLU A 243 2.26 -3.02 -26.46
N LYS A 244 0.98 -3.36 -26.59
CA LYS A 244 -0.08 -2.38 -26.63
C LYS A 244 -1.22 -2.77 -25.70
N VAL A 245 -1.41 -2.00 -24.63
CA VAL A 245 -2.56 -2.17 -23.76
C VAL A 245 -3.46 -0.94 -23.89
N THR A 246 -4.69 -1.05 -23.42
CA THR A 246 -5.64 0.06 -23.53
C THR A 246 -6.14 0.53 -22.17
N VAL A 247 -6.27 1.84 -22.01
CA VAL A 247 -6.77 2.41 -20.78
C VAL A 247 -7.68 3.59 -21.08
N PHE A 248 -8.54 3.93 -20.14
CA PHE A 248 -9.31 5.16 -20.24
C PHE A 248 -9.53 5.78 -18.86
N ARG A 249 -9.57 7.11 -18.83
CA ARG A 249 -9.82 7.84 -17.60
C ARG A 249 -10.88 8.90 -17.88
N VAL A 250 -12.13 8.50 -17.73
CA VAL A 250 -13.24 9.36 -18.10
C VAL A 250 -14.06 9.73 -16.87
N THR A 251 -14.14 11.02 -16.58
CA THR A 251 -14.96 11.51 -15.49
C THR A 251 -16.36 11.84 -15.99
N LYS A 252 -17.36 11.19 -15.42
CA LYS A 252 -18.76 11.45 -15.77
C LYS A 252 -19.39 12.38 -14.76
N ASN A 253 -19.94 13.49 -15.24
CA ASN A 253 -20.71 14.39 -14.37
C ASN A 253 -22.20 14.12 -14.47
N VAL A 254 -22.73 13.41 -13.47
CA VAL A 254 -24.11 12.97 -13.49
C VAL A 254 -24.84 13.34 -12.20
N ALA A 255 -26.13 13.05 -12.17
CA ALA A 255 -26.93 13.22 -10.97
C ALA A 255 -26.84 11.95 -10.15
N ILE A 256 -27.34 11.98 -8.92
CA ILE A 256 -27.19 10.83 -8.03
C ILE A 256 -27.91 9.60 -8.55
N ASP A 257 -28.99 9.81 -9.30
CA ASP A 257 -29.80 8.73 -9.82
C ASP A 257 -28.99 7.90 -10.81
N GLU A 258 -28.40 8.57 -11.78
CA GLU A 258 -27.55 7.91 -12.77
C GLU A 258 -26.32 7.31 -12.10
N ALA A 259 -25.73 8.06 -11.18
CA ALA A 259 -24.53 7.60 -10.48
C ALA A 259 -24.79 6.28 -9.75
N THR A 260 -25.93 6.19 -9.07
CA THR A 260 -26.30 4.93 -8.41
C THR A 260 -26.43 3.80 -9.43
N SER A 261 -27.19 4.04 -10.49
CA SER A 261 -27.37 3.07 -11.57
C SER A 261 -26.03 2.56 -12.08
N LEU A 262 -25.10 3.48 -12.30
CA LEU A 262 -23.80 3.16 -12.87
C LEU A 262 -22.97 2.36 -11.88
N LEU A 263 -22.95 2.79 -10.63
CA LEU A 263 -22.20 2.09 -9.61
C LEU A 263 -22.76 0.70 -9.34
N HIS A 264 -24.10 0.60 -9.29
CA HIS A 264 -24.74 -0.68 -9.00
C HIS A 264 -24.49 -1.71 -10.10
N LYS A 265 -24.46 -1.26 -11.35
CA LYS A 265 -24.17 -2.16 -12.45
C LYS A 265 -22.67 -2.39 -12.56
N TRP A 266 -21.89 -1.41 -12.13
CA TRP A 266 -20.45 -1.49 -12.20
C TRP A 266 -19.92 -2.69 -11.41
N GLN A 267 -20.42 -2.85 -10.18
CA GLN A 267 -19.91 -3.89 -9.30
C GLN A 267 -19.98 -5.28 -9.96
N PHE A 268 -21.03 -5.51 -10.73
CA PHE A 268 -21.18 -6.78 -11.43
C PHE A 268 -20.25 -6.85 -12.62
N VAL A 269 -20.34 -5.86 -13.51
CA VAL A 269 -19.42 -5.77 -14.63
C VAL A 269 -17.98 -5.90 -14.16
N ALA A 270 -17.57 -5.01 -13.26
CA ALA A 270 -16.19 -4.99 -12.77
C ALA A 270 -15.72 -6.33 -12.21
N GLU A 271 -16.54 -6.95 -11.37
CA GLU A 271 -16.13 -8.17 -10.67
C GLU A 271 -16.21 -9.39 -11.57
N GLU A 272 -17.05 -9.33 -12.59
CA GLU A 272 -17.27 -10.48 -13.46
C GLU A 272 -16.60 -10.33 -14.83
N LEU A 273 -15.82 -9.27 -15.00
CA LEU A 273 -15.06 -9.09 -16.23
C LEU A 273 -13.97 -10.16 -16.34
N GLU A 274 -13.49 -10.39 -17.55
CA GLU A 274 -12.37 -11.29 -17.75
C GLU A 274 -11.11 -10.68 -17.14
N GLU A 275 -10.21 -11.55 -16.68
CA GLU A 275 -8.97 -11.10 -16.05
C GLU A 275 -8.17 -10.12 -16.91
N ASP A 276 -8.44 -10.09 -18.21
CA ASP A 276 -7.77 -9.16 -19.12
C ASP A 276 -8.35 -7.74 -19.00
N PHE A 277 -9.34 -7.58 -18.13
CA PHE A 277 -10.01 -6.30 -17.98
C PHE A 277 -10.01 -5.83 -16.54
N THR A 278 -9.83 -4.53 -16.35
CA THR A 278 -10.02 -3.92 -15.04
C THR A 278 -10.74 -2.59 -15.19
N LEU A 279 -11.82 -2.44 -14.42
CA LEU A 279 -12.62 -1.23 -14.42
C LEU A 279 -12.76 -0.74 -12.99
N SER A 280 -12.11 0.38 -12.69
CA SER A 280 -12.16 0.92 -11.34
C SER A 280 -12.86 2.28 -11.35
N VAL A 281 -13.39 2.68 -10.20
CA VAL A 281 -14.15 3.92 -10.13
C VAL A 281 -13.69 4.83 -8.99
N LEU A 282 -13.64 6.13 -9.28
CA LEU A 282 -13.35 7.14 -8.27
C LEU A 282 -14.55 8.06 -8.17
N GLY A 283 -15.31 7.93 -7.08
CA GLY A 283 -16.54 8.69 -6.92
C GLY A 283 -16.46 9.81 -5.91
N GLY A 284 -17.06 10.94 -6.25
CA GLY A 284 -17.17 12.08 -5.36
C GLY A 284 -18.39 12.90 -5.72
N ALA A 285 -18.76 13.84 -4.87
CA ALA A 285 -19.94 14.66 -5.15
C ALA A 285 -19.82 16.04 -4.52
N ASP A 286 -20.72 16.93 -4.93
CA ASP A 286 -20.75 18.29 -4.40
C ASP A 286 -22.12 18.90 -4.63
N GLU A 287 -23.07 18.53 -3.78
CA GLU A 287 -24.43 19.05 -3.86
C GLU A 287 -25.06 18.70 -5.21
N LYS A 288 -24.94 19.64 -6.14
CA LYS A 288 -25.48 19.49 -7.49
C LYS A 288 -25.07 18.16 -8.14
N GLN A 289 -23.84 18.11 -8.62
CA GLN A 289 -23.39 17.00 -9.45
C GLN A 289 -22.65 15.92 -8.67
N VAL A 290 -22.76 14.69 -9.16
CA VAL A 290 -21.92 13.59 -8.71
C VAL A 290 -20.92 13.30 -9.82
N TRP A 291 -19.64 13.20 -9.45
CA TRP A 291 -18.61 12.88 -10.44
C TRP A 291 -18.04 11.48 -10.23
N LEU A 292 -18.13 10.65 -11.27
CA LEU A 292 -17.58 9.31 -11.23
C LEU A 292 -16.46 9.16 -12.23
N THR A 293 -15.23 9.02 -11.75
CA THR A 293 -14.09 8.84 -12.63
C THR A 293 -13.88 7.36 -12.96
N MET A 294 -14.00 7.02 -14.24
CA MET A 294 -13.82 5.64 -14.69
C MET A 294 -12.39 5.38 -15.12
N LEU A 295 -11.73 4.47 -14.41
CA LEU A 295 -10.36 4.07 -14.75
C LEU A 295 -10.39 2.69 -15.37
N GLY A 296 -10.11 2.63 -16.68
CA GLY A 296 -10.16 1.36 -17.38
C GLY A 296 -8.80 0.89 -17.82
N PHE A 297 -8.57 -0.41 -17.71
CA PHE A 297 -7.35 -1.03 -18.21
C PHE A 297 -7.70 -2.34 -18.91
N HIS A 298 -7.27 -2.47 -20.15
CA HIS A 298 -7.44 -3.71 -20.90
C HIS A 298 -6.11 -4.31 -21.29
N PHE A 299 -5.95 -5.59 -20.98
CA PHE A 299 -4.74 -6.33 -21.29
C PHE A 299 -4.72 -6.70 -22.76
N GLY A 300 -5.01 -5.71 -23.61
CA GLY A 300 -5.06 -5.91 -25.05
C GLY A 300 -5.41 -4.64 -25.79
N LEU A 301 -5.77 -4.78 -27.07
CA LEU A 301 -5.97 -3.62 -27.93
C LEU A 301 -7.26 -2.84 -27.69
N LYS A 302 -7.35 -1.70 -28.35
CA LYS A 302 -8.41 -0.72 -28.16
C LYS A 302 -9.76 -1.21 -28.64
N THR A 303 -9.80 -1.77 -29.84
CA THR A 303 -11.04 -2.22 -30.43
C THR A 303 -11.70 -3.28 -29.58
N VAL A 304 -10.90 -4.22 -29.07
CA VAL A 304 -11.43 -5.24 -28.18
C VAL A 304 -11.92 -4.60 -26.89
N ALA A 305 -11.16 -3.64 -26.37
CA ALA A 305 -11.53 -2.97 -25.14
C ALA A 305 -12.87 -2.27 -25.29
N LYS A 306 -13.03 -1.53 -26.37
CA LYS A 306 -14.24 -0.76 -26.60
C LYS A 306 -15.40 -1.68 -26.91
N SER A 307 -15.13 -2.71 -27.72
CA SER A 307 -16.16 -3.69 -28.03
C SER A 307 -16.76 -4.24 -26.75
N THR A 308 -15.89 -4.53 -25.79
CA THR A 308 -16.30 -5.15 -24.54
C THR A 308 -17.26 -4.28 -23.74
N PHE A 309 -16.87 -3.02 -23.52
CA PHE A 309 -17.70 -2.13 -22.73
C PHE A 309 -18.92 -1.65 -23.50
N ASP A 310 -18.77 -1.55 -24.82
CA ASP A 310 -19.90 -1.22 -25.68
C ASP A 310 -21.00 -2.23 -25.45
N LEU A 311 -20.59 -3.47 -25.20
CA LEU A 311 -21.53 -4.55 -24.96
C LEU A 311 -21.92 -4.60 -23.49
N LEU A 312 -20.95 -4.83 -22.63
CA LEU A 312 -21.21 -5.02 -21.21
C LEU A 312 -21.70 -3.76 -20.50
N PHE A 313 -21.03 -2.64 -20.76
CA PHE A 313 -21.33 -1.41 -20.03
C PHE A 313 -21.60 -0.23 -20.94
N PRO A 314 -22.62 -0.34 -21.80
CA PRO A 314 -22.99 0.75 -22.72
C PRO A 314 -23.42 2.01 -21.97
N GLU A 315 -23.80 1.85 -20.71
CA GLU A 315 -24.31 2.97 -19.92
C GLU A 315 -23.23 4.01 -19.60
N LEU A 316 -21.97 3.60 -19.65
CA LEU A 316 -20.86 4.49 -19.38
C LEU A 316 -20.78 5.59 -20.43
N GLY A 317 -21.30 5.30 -21.62
CA GLY A 317 -21.24 6.24 -22.72
C GLY A 317 -19.81 6.53 -23.16
N LEU A 318 -18.90 5.59 -22.91
CA LEU A 318 -17.52 5.74 -23.36
C LEU A 318 -17.46 5.71 -24.88
N VAL A 319 -16.62 6.57 -25.43
CA VAL A 319 -16.48 6.68 -26.88
C VAL A 319 -15.08 6.29 -27.34
N GLU A 320 -14.89 6.20 -28.64
CA GLU A 320 -13.59 5.80 -29.20
C GLU A 320 -12.46 6.67 -28.66
N GLU A 321 -12.69 7.97 -28.60
CA GLU A 321 -11.68 8.93 -28.16
C GLU A 321 -11.26 8.72 -26.70
N ASP A 322 -12.13 8.08 -25.93
CA ASP A 322 -11.89 7.84 -24.51
C ASP A 322 -10.82 6.76 -24.28
N TYR A 323 -10.80 5.77 -25.15
CA TYR A 323 -9.83 4.68 -25.07
C TYR A 323 -8.49 5.07 -25.68
N LEU A 324 -7.43 4.94 -24.90
CA LEU A 324 -6.08 5.20 -25.40
C LEU A 324 -5.26 3.92 -25.45
N GLU A 325 -4.64 3.65 -26.59
CA GLU A 325 -3.69 2.54 -26.68
C GLU A 325 -2.30 3.05 -26.37
N MET A 326 -1.55 2.26 -25.61
CA MET A 326 -0.20 2.65 -25.23
C MET A 326 0.55 1.48 -24.63
N SER A 327 1.85 1.66 -24.43
CA SER A 327 2.67 0.64 -23.80
C SER A 327 2.21 0.45 -22.36
N TRP A 328 2.51 -0.71 -21.78
CA TRP A 328 2.13 -0.96 -20.41
C TRP A 328 2.69 0.13 -19.50
N GLY A 329 3.92 0.54 -19.76
CA GLY A 329 4.53 1.61 -19.01
C GLY A 329 3.72 2.88 -19.10
N GLU A 330 3.46 3.33 -20.31
CA GLU A 330 2.65 4.51 -20.54
C GLU A 330 1.32 4.41 -19.81
N SER A 331 0.78 3.20 -19.70
CA SER A 331 -0.55 3.01 -19.13
C SER A 331 -0.58 3.17 -17.61
N PHE A 332 0.45 2.67 -16.94
CA PHE A 332 0.54 2.82 -15.49
C PHE A 332 0.89 4.26 -15.11
N ALA A 333 1.58 4.96 -16.00
CA ALA A 333 1.87 6.37 -15.79
C ALA A 333 0.60 7.18 -16.05
N TYR A 334 -0.04 6.91 -17.17
CA TYR A 334 -1.31 7.55 -17.50
C TYR A 334 -2.33 7.36 -16.39
N LEU A 335 -2.48 6.12 -15.93
CA LEU A 335 -3.45 5.79 -14.88
C LEU A 335 -3.14 6.51 -13.58
N ALA A 336 -1.85 6.62 -13.25
CA ALA A 336 -1.44 7.30 -12.01
C ALA A 336 -1.59 8.81 -12.14
N GLY A 337 -2.01 9.27 -13.33
CA GLY A 337 -2.21 10.68 -13.58
C GLY A 337 -0.92 11.41 -13.86
N LEU A 338 0.11 10.68 -14.30
CA LEU A 338 1.40 11.29 -14.58
C LEU A 338 1.44 11.87 -15.98
N GLU A 339 2.30 12.86 -16.18
CA GLU A 339 2.46 13.51 -17.47
C GLU A 339 3.18 12.59 -18.44
N THR A 340 4.20 11.89 -17.96
CA THR A 340 5.05 11.06 -18.82
C THR A 340 5.56 9.83 -18.09
N VAL A 341 6.07 8.87 -18.85
CA VAL A 341 6.67 7.67 -18.26
C VAL A 341 7.89 8.03 -17.42
N SER A 342 8.63 9.06 -17.83
CA SER A 342 9.80 9.49 -17.09
C SER A 342 9.46 9.86 -15.65
N GLN A 343 8.22 10.31 -15.42
CA GLN A 343 7.81 10.72 -14.09
C GLN A 343 7.58 9.54 -13.15
N LEU A 344 7.52 8.34 -13.71
CA LEU A 344 7.46 7.14 -12.90
C LEU A 344 8.76 7.01 -12.12
N ASN A 345 9.84 7.53 -12.69
CA ASN A 345 11.16 7.41 -12.10
C ASN A 345 11.47 8.52 -11.11
N ASN A 346 10.48 9.37 -10.87
CA ASN A 346 10.62 10.46 -9.91
C ASN A 346 9.88 10.11 -8.62
N ARG A 347 10.63 9.80 -7.57
CA ARG A 347 10.06 9.32 -6.33
C ARG A 347 9.56 10.43 -5.42
N PHE A 348 9.85 11.68 -5.77
CA PHE A 348 9.50 12.79 -4.90
C PHE A 348 8.39 13.67 -5.46
N LEU A 349 7.62 13.11 -6.38
CA LEU A 349 6.44 13.78 -6.91
C LEU A 349 5.22 13.48 -6.05
N LYS A 350 4.91 14.37 -5.12
CA LYS A 350 3.70 14.22 -4.33
C LYS A 350 2.50 14.16 -5.28
N PHE A 351 1.58 13.24 -5.01
CA PHE A 351 0.42 13.06 -5.90
C PHE A 351 -0.82 13.82 -5.46
N ASP A 352 -0.72 14.51 -4.32
CA ASP A 352 -1.80 15.39 -3.86
C ASP A 352 -1.28 16.55 -3.03
N GLU A 353 -0.38 16.25 -2.11
CA GLU A 353 0.14 17.23 -1.17
C GLU A 353 -0.91 17.52 -0.09
N ARG A 354 -1.98 16.74 -0.09
CA ARG A 354 -3.06 16.90 0.89
C ARG A 354 -3.04 15.83 1.96
N ALA A 355 -3.27 16.23 3.21
CA ALA A 355 -3.43 15.27 4.30
C ALA A 355 -4.68 14.45 4.05
N PHE A 356 -4.77 13.26 4.65
CA PHE A 356 -5.91 12.39 4.42
C PHE A 356 -6.01 11.26 5.44
N LYS A 357 -7.20 10.71 5.56
CA LYS A 357 -7.45 9.51 6.34
C LYS A 357 -8.36 8.62 5.50
N THR A 358 -7.97 7.36 5.31
CA THR A 358 -8.73 6.46 4.46
C THR A 358 -9.11 5.17 5.16
N LYS A 359 -10.39 4.83 5.10
CA LYS A 359 -10.88 3.53 5.57
C LYS A 359 -11.28 2.69 4.37
N VAL A 360 -11.15 1.38 4.48
CA VAL A 360 -11.45 0.47 3.37
C VAL A 360 -12.43 -0.63 3.77
N ASP A 361 -13.15 -1.16 2.80
CA ASP A 361 -14.02 -2.29 3.02
C ASP A 361 -13.84 -3.36 1.96
N LEU A 362 -14.12 -4.60 2.33
CA LEU A 362 -14.13 -5.70 1.38
C LEU A 362 -15.49 -6.37 1.42
N THR A 363 -16.04 -6.69 0.26
CA THR A 363 -17.40 -7.19 0.17
C THR A 363 -17.46 -8.67 -0.19
N LYS A 364 -18.42 -9.36 0.43
CA LYS A 364 -18.69 -10.77 0.14
C LYS A 364 -19.97 -10.90 -0.65
N GLU A 365 -20.94 -10.04 -0.34
CA GLU A 365 -22.21 -9.99 -1.04
C GLU A 365 -22.24 -8.78 -1.96
N PRO A 366 -23.12 -8.80 -2.96
CA PRO A 366 -23.30 -7.61 -3.79
C PRO A 366 -23.89 -6.47 -2.95
N LEU A 367 -23.65 -5.22 -3.36
CA LEU A 367 -24.18 -4.06 -2.67
C LEU A 367 -25.51 -3.60 -3.28
N PRO A 368 -26.51 -3.33 -2.43
CA PRO A 368 -27.80 -2.80 -2.85
C PRO A 368 -27.67 -1.39 -3.42
N SER A 369 -28.47 -1.03 -4.42
CA SER A 369 -28.42 0.33 -4.93
C SER A 369 -28.40 1.32 -3.76
N LYS A 370 -29.19 1.04 -2.75
CA LYS A 370 -29.35 1.94 -1.61
C LYS A 370 -27.99 2.29 -1.01
N ALA A 371 -27.05 1.36 -1.10
CA ALA A 371 -25.72 1.54 -0.53
C ALA A 371 -24.93 2.56 -1.31
N PHE A 372 -24.95 2.45 -2.63
CA PHE A 372 -24.29 3.42 -3.48
C PHE A 372 -25.00 4.77 -3.41
N TYR A 373 -26.33 4.73 -3.37
CA TYR A 373 -27.10 5.96 -3.25
C TYR A 373 -26.75 6.67 -1.95
N GLY A 374 -26.80 5.94 -0.84
CA GLY A 374 -26.42 6.49 0.44
C GLY A 374 -25.01 7.04 0.42
N LEU A 375 -24.09 6.27 -0.16
CA LEU A 375 -22.70 6.71 -0.32
C LEU A 375 -22.61 8.01 -1.09
N LEU A 376 -23.35 8.08 -2.20
CA LEU A 376 -23.33 9.26 -3.06
C LEU A 376 -23.94 10.46 -2.36
N GLU A 377 -25.00 10.22 -1.60
CA GLU A 377 -25.64 11.28 -0.84
C GLU A 377 -24.69 11.78 0.24
N ARG A 378 -24.06 10.85 0.94
CA ARG A 378 -23.10 11.21 1.98
C ARG A 378 -21.91 11.93 1.38
N LEU A 379 -21.54 11.53 0.17
CA LEU A 379 -20.43 12.18 -0.54
C LEU A 379 -20.79 13.62 -0.90
N SER A 380 -22.03 13.82 -1.34
CA SER A 380 -22.48 15.13 -1.78
C SER A 380 -22.52 16.11 -0.62
N LYS A 381 -22.49 15.58 0.59
CA LYS A 381 -22.47 16.43 1.79
C LYS A 381 -21.05 16.93 2.06
N GLU A 382 -20.05 16.16 1.64
CA GLU A 382 -18.65 16.53 1.85
C GLU A 382 -17.80 16.37 0.59
N PRO A 383 -17.54 17.47 -0.12
CA PRO A 383 -16.74 17.47 -1.34
C PRO A 383 -15.31 16.97 -1.12
N ASN A 384 -14.77 17.16 0.07
CA ASN A 384 -13.40 16.71 0.37
C ASN A 384 -13.31 15.20 0.52
N GLY A 385 -14.46 14.54 0.47
CA GLY A 385 -14.51 13.09 0.54
C GLY A 385 -14.69 12.47 -0.83
N PHE A 386 -14.21 11.24 -0.99
CA PHE A 386 -14.40 10.52 -2.24
C PHE A 386 -14.16 9.03 -2.03
N ILE A 387 -14.83 8.21 -2.83
CA ILE A 387 -14.69 6.77 -2.68
C ILE A 387 -13.94 6.18 -3.87
N ALA A 388 -13.25 5.08 -3.60
CA ALA A 388 -12.52 4.35 -4.63
C ALA A 388 -13.08 2.95 -4.69
N LEU A 389 -13.59 2.56 -5.85
CA LEU A 389 -14.20 1.25 -6.02
C LEU A 389 -13.35 0.34 -6.90
N ASN A 390 -12.94 -0.79 -6.35
CA ASN A 390 -12.16 -1.77 -7.09
C ASN A 390 -12.81 -3.14 -7.11
N GLY A 391 -12.79 -3.79 -8.26
CA GLY A 391 -13.35 -5.12 -8.39
C GLY A 391 -12.29 -6.17 -8.15
N PHE A 392 -12.69 -7.25 -7.47
CA PHE A 392 -11.83 -8.41 -7.33
C PHE A 392 -12.20 -9.42 -8.39
N GLY A 393 -12.33 -10.68 -8.00
CA GLY A 393 -12.65 -11.74 -8.93
C GLY A 393 -11.49 -12.00 -9.88
N GLY A 394 -11.75 -12.75 -10.94
CA GLY A 394 -10.71 -13.08 -11.89
C GLY A 394 -9.58 -13.84 -11.23
N GLN A 395 -8.35 -13.37 -11.46
CA GLN A 395 -7.17 -14.07 -10.94
C GLN A 395 -7.10 -13.99 -9.43
N MET A 396 -7.75 -12.97 -8.86
CA MET A 396 -7.78 -12.79 -7.41
C MET A 396 -8.57 -13.90 -6.73
N SER A 397 -9.41 -14.58 -7.49
CA SER A 397 -10.27 -15.62 -6.94
C SER A 397 -9.73 -17.01 -7.24
N LYS A 398 -8.58 -17.05 -7.92
CA LYS A 398 -7.98 -18.31 -8.29
C LYS A 398 -6.81 -18.63 -7.37
N ILE A 399 -6.23 -17.59 -6.78
CA ILE A 399 -5.18 -17.76 -5.79
C ILE A 399 -5.79 -18.13 -4.45
N SER A 400 -5.23 -19.16 -3.82
CA SER A 400 -5.68 -19.64 -2.52
C SER A 400 -5.60 -18.53 -1.48
N SER A 401 -6.52 -18.58 -0.51
CA SER A 401 -6.55 -17.61 0.58
C SER A 401 -5.27 -17.69 1.42
N ASP A 402 -4.66 -18.88 1.45
CA ASP A 402 -3.47 -19.09 2.27
C ASP A 402 -2.19 -19.19 1.46
N PHE A 403 -2.28 -18.85 0.18
CA PHE A 403 -1.11 -18.85 -0.70
C PHE A 403 -0.10 -17.85 -0.16
N THR A 404 -0.61 -16.69 0.22
CA THR A 404 0.16 -15.67 0.91
C THR A 404 -0.76 -15.12 1.99
N PRO A 405 -0.20 -14.38 2.96
CA PRO A 405 -1.02 -13.88 4.07
C PRO A 405 -2.32 -13.17 3.66
N PHE A 406 -2.33 -12.50 2.51
CA PHE A 406 -3.55 -11.87 2.02
C PHE A 406 -4.62 -12.94 1.72
N PRO A 407 -5.72 -12.93 2.51
CA PRO A 407 -6.74 -13.99 2.52
C PRO A 407 -7.86 -13.77 1.53
N HIS A 408 -8.22 -12.51 1.31
CA HIS A 408 -9.41 -12.16 0.55
C HIS A 408 -9.25 -12.50 -0.92
N ARG A 409 -9.78 -13.66 -1.30
CA ARG A 409 -9.67 -14.11 -2.68
C ARG A 409 -11.04 -14.56 -3.16
N SER A 410 -11.15 -15.82 -3.55
CA SER A 410 -12.42 -16.37 -4.02
C SER A 410 -13.56 -16.06 -3.04
N GLY A 411 -14.54 -15.30 -3.50
CA GLY A 411 -15.63 -14.88 -2.64
C GLY A 411 -15.64 -13.38 -2.50
N THR A 412 -14.46 -12.78 -2.38
CA THR A 412 -14.36 -11.33 -2.27
C THR A 412 -14.76 -10.69 -3.59
N ARG A 413 -15.69 -9.72 -3.53
CA ARG A 413 -16.25 -9.14 -4.74
C ARG A 413 -15.68 -7.76 -5.06
N LEU A 414 -15.72 -6.86 -4.09
CA LEU A 414 -15.25 -5.50 -4.29
C LEU A 414 -14.33 -5.04 -3.17
N MET A 415 -13.49 -4.07 -3.49
CA MET A 415 -12.79 -3.32 -2.46
C MET A 415 -13.29 -1.88 -2.49
N VAL A 416 -14.13 -1.55 -1.52
CA VAL A 416 -14.61 -0.19 -1.38
C VAL A 416 -13.66 0.59 -0.48
N GLU A 417 -13.37 1.82 -0.86
CA GLU A 417 -12.37 2.60 -0.15
C GLU A 417 -12.86 4.03 0.06
N TYR A 418 -12.96 4.45 1.31
CA TYR A 418 -13.47 5.77 1.63
C TYR A 418 -12.33 6.69 2.04
N ILE A 419 -12.17 7.80 1.34
CA ILE A 419 -11.08 8.71 1.62
C ILE A 419 -11.60 10.09 1.95
N VAL A 420 -10.81 10.85 2.71
CA VAL A 420 -11.11 12.26 2.90
C VAL A 420 -9.79 13.01 3.03
N ALA A 421 -9.63 14.03 2.19
CA ALA A 421 -8.37 14.75 2.13
C ALA A 421 -8.65 16.24 2.18
N TRP A 422 -7.74 17.00 2.81
CA TRP A 422 -7.95 18.43 2.93
C TRP A 422 -6.70 19.26 2.69
N ASN A 423 -6.88 20.57 2.70
CA ASN A 423 -5.80 21.52 2.48
C ASN A 423 -5.35 22.08 3.82
N GLN A 424 -4.18 22.71 3.84
CA GLN A 424 -3.71 23.37 5.05
C GLN A 424 -4.70 24.45 5.48
N SER A 425 -5.48 24.93 4.52
CA SER A 425 -6.50 25.94 4.77
C SER A 425 -7.61 25.32 5.59
N GLU A 426 -7.82 24.02 5.37
CA GLU A 426 -8.94 23.28 5.94
C GLU A 426 -8.52 22.44 7.13
N GLN A 427 -7.32 22.69 7.64
CA GLN A 427 -6.78 21.94 8.78
C GLN A 427 -7.69 22.03 9.99
N LYS A 428 -8.42 23.13 10.11
CA LYS A 428 -9.34 23.31 11.22
C LYS A 428 -10.50 22.32 11.11
N LYS A 429 -11.00 22.15 9.89
CA LYS A 429 -12.06 21.19 9.62
C LYS A 429 -11.63 19.74 9.86
N LYS A 430 -10.35 19.54 10.19
CA LYS A 430 -9.80 18.20 10.39
C LYS A 430 -10.80 17.25 11.05
N THR A 431 -11.16 17.55 12.30
CA THR A 431 -12.05 16.66 13.05
C THR A 431 -13.35 16.41 12.32
N GLU A 432 -13.82 17.42 11.60
CA GLU A 432 -15.06 17.28 10.84
C GLU A 432 -14.91 16.28 9.70
N PHE A 433 -13.78 16.34 8.99
CA PHE A 433 -13.51 15.42 7.89
C PHE A 433 -13.46 13.98 8.37
N LEU A 434 -12.80 13.77 9.51
CA LEU A 434 -12.69 12.45 10.09
C LEU A 434 -14.05 11.97 10.56
N ASP A 435 -14.86 12.92 11.04
CA ASP A 435 -16.22 12.62 11.46
C ASP A 435 -17.03 12.07 10.30
N TRP A 436 -16.94 12.72 9.15
CA TRP A 436 -17.62 12.28 7.95
C TRP A 436 -17.22 10.84 7.62
N LEU A 437 -15.91 10.62 7.52
CA LEU A 437 -15.36 9.31 7.21
C LEU A 437 -15.85 8.23 8.17
N GLU A 438 -15.98 8.60 9.45
CA GLU A 438 -16.47 7.68 10.48
C GLU A 438 -17.94 7.34 10.22
N LYS A 439 -18.70 8.34 9.78
CA LYS A 439 -20.12 8.17 9.49
C LYS A 439 -20.33 7.28 8.27
N VAL A 440 -19.47 7.45 7.26
CA VAL A 440 -19.57 6.68 6.03
C VAL A 440 -19.26 5.21 6.28
N TYR A 441 -18.19 4.97 7.03
CA TYR A 441 -17.79 3.61 7.35
C TYR A 441 -18.89 2.93 8.15
N GLU A 442 -19.46 3.66 9.10
CA GLU A 442 -20.53 3.12 9.91
C GLU A 442 -21.74 2.81 9.04
N PHE A 443 -22.01 3.70 8.09
CA PHE A 443 -23.16 3.55 7.21
C PHE A 443 -23.03 2.34 6.30
N MET A 444 -21.78 1.95 6.02
CA MET A 444 -21.52 0.85 5.10
C MET A 444 -21.45 -0.50 5.80
N LYS A 445 -21.45 -0.47 7.14
CA LYS A 445 -21.25 -1.68 7.93
C LYS A 445 -22.21 -2.84 7.59
N PRO A 446 -23.48 -2.53 7.36
CA PRO A 446 -24.44 -3.59 7.00
C PRO A 446 -24.22 -4.19 5.61
N PHE A 447 -23.61 -3.43 4.69
CA PHE A 447 -23.52 -3.88 3.29
C PHE A 447 -22.21 -4.62 2.99
N VAL A 448 -21.26 -4.53 3.90
CA VAL A 448 -19.94 -5.12 3.69
C VAL A 448 -19.75 -6.38 4.50
N SER A 449 -18.52 -6.87 4.55
CA SER A 449 -18.23 -8.11 5.26
C SER A 449 -18.42 -7.95 6.78
N LYS A 450 -18.71 -9.06 7.46
CA LYS A 450 -19.00 -9.04 8.88
C LYS A 450 -18.36 -10.22 9.58
N ASN A 451 -18.13 -10.07 10.88
CA ASN A 451 -17.62 -11.16 11.71
C ASN A 451 -16.52 -12.00 11.06
N PRO A 452 -15.36 -11.38 10.78
CA PRO A 452 -15.06 -9.98 11.09
C PRO A 452 -15.26 -9.07 9.88
N ARG A 453 -15.33 -7.77 10.14
CA ARG A 453 -15.35 -6.78 9.08
C ARG A 453 -13.94 -6.72 8.50
N LEU A 454 -13.78 -7.27 7.30
CA LEU A 454 -12.45 -7.44 6.72
C LEU A 454 -11.73 -6.12 6.48
N GLY A 455 -10.40 -6.20 6.42
CA GLY A 455 -9.56 -5.07 6.09
C GLY A 455 -8.32 -5.49 5.33
N TYR A 456 -7.52 -4.50 4.92
CA TYR A 456 -6.34 -4.76 4.12
C TYR A 456 -5.12 -4.10 4.77
N VAL A 457 -4.11 -4.90 5.09
CA VAL A 457 -2.97 -4.42 5.88
C VAL A 457 -2.23 -3.22 5.28
N ASN A 458 -2.21 -3.11 3.95
CA ASN A 458 -1.62 -1.93 3.31
C ASN A 458 -2.49 -0.69 3.50
N HIS A 459 -3.73 -0.92 3.91
CA HIS A 459 -4.64 0.15 4.31
C HIS A 459 -4.81 0.14 5.82
N ILE A 460 -3.72 -0.13 6.53
CA ILE A 460 -3.74 -0.23 7.99
C ILE A 460 -4.56 0.86 8.67
N ASP A 461 -5.43 0.46 9.59
CA ASP A 461 -6.35 1.39 10.24
C ASP A 461 -6.24 1.33 11.75
N LEU A 462 -5.53 2.31 12.34
CA LEU A 462 -5.33 2.36 13.78
C LEU A 462 -6.64 2.55 14.55
N ASP A 463 -7.71 2.92 13.85
CA ASP A 463 -9.02 2.99 14.47
C ASP A 463 -9.43 1.60 14.95
N LEU A 464 -8.96 0.58 14.24
CA LEU A 464 -9.26 -0.79 14.59
C LEU A 464 -8.59 -1.19 15.90
N GLY A 465 -7.88 -0.23 16.50
CA GLY A 465 -7.16 -0.48 17.73
C GLY A 465 -5.67 -0.50 17.54
N GLY A 466 -4.95 -0.87 18.60
CA GLY A 466 -3.50 -0.96 18.55
C GLY A 466 -2.95 -1.64 19.79
N ILE A 467 -1.64 -1.82 19.83
CA ILE A 467 -0.98 -2.47 20.96
C ILE A 467 0.06 -1.53 21.54
N ASP A 468 0.03 -1.35 22.86
CA ASP A 468 1.08 -0.60 23.54
C ASP A 468 2.15 -1.59 23.97
N TRP A 469 3.20 -1.70 23.17
CA TRP A 469 4.28 -2.65 23.44
C TRP A 469 5.10 -2.24 24.66
N GLY A 470 4.75 -1.12 25.28
CA GLY A 470 5.40 -0.65 26.47
C GLY A 470 4.62 -1.05 27.71
N ASN A 471 3.36 -1.44 27.49
CA ASN A 471 2.47 -1.86 28.55
C ASN A 471 2.43 -3.39 28.66
N LYS A 472 3.15 -3.94 29.64
CA LYS A 472 3.26 -5.39 29.80
C LYS A 472 1.92 -6.07 30.09
N THR A 473 1.01 -5.36 30.73
CA THR A 473 -0.34 -5.88 30.98
C THR A 473 -1.00 -6.22 29.65
N VAL A 474 -0.79 -5.36 28.64
CA VAL A 474 -1.33 -5.56 27.30
C VAL A 474 -0.47 -6.52 26.49
N VAL A 475 0.84 -6.40 26.65
CA VAL A 475 1.78 -7.24 25.91
C VAL A 475 1.53 -8.72 26.19
N ASN A 476 1.08 -9.03 27.41
CA ASN A 476 0.77 -10.40 27.80
C ASN A 476 -0.47 -10.95 27.08
N ASN A 477 -1.30 -10.03 26.60
CA ASN A 477 -2.49 -10.41 25.85
C ASN A 477 -2.44 -9.84 24.44
N ALA A 478 -1.23 -9.65 23.92
CA ALA A 478 -1.01 -9.04 22.62
C ALA A 478 -1.73 -9.77 21.48
N ILE A 479 -1.75 -11.09 21.55
CA ILE A 479 -2.33 -11.90 20.49
C ILE A 479 -3.85 -11.77 20.36
N GLU A 480 -4.54 -11.70 21.49
CA GLU A 480 -5.99 -11.59 21.46
C GLU A 480 -6.45 -10.16 21.15
N ILE A 481 -5.76 -9.19 21.72
CA ILE A 481 -6.06 -7.80 21.43
C ILE A 481 -5.81 -7.53 19.96
N SER A 482 -4.78 -8.19 19.42
CA SER A 482 -4.41 -8.03 18.03
C SER A 482 -5.38 -8.75 17.10
N ARG A 483 -6.07 -9.75 17.64
CA ARG A 483 -7.06 -10.50 16.90
C ARG A 483 -8.05 -9.59 16.15
N SER A 484 -8.51 -8.53 16.81
CA SER A 484 -9.48 -7.59 16.24
C SER A 484 -9.13 -7.13 14.83
N TRP A 485 -7.91 -6.63 14.65
CA TRP A 485 -7.46 -6.18 13.34
C TRP A 485 -6.72 -7.28 12.60
N GLY A 486 -6.26 -8.28 13.36
CA GLY A 486 -5.48 -9.37 12.79
C GLY A 486 -6.29 -10.29 11.90
N GLU A 487 -7.42 -10.79 12.41
CA GLU A 487 -8.32 -11.62 11.63
C GLU A 487 -8.97 -10.79 10.54
N SER A 488 -9.03 -9.49 10.77
CA SER A 488 -9.58 -8.54 9.80
C SER A 488 -8.65 -8.43 8.59
N TYR A 489 -7.35 -8.37 8.84
CA TYR A 489 -6.37 -8.25 7.78
C TYR A 489 -6.05 -9.59 7.13
N PHE A 490 -5.90 -10.62 7.96
CA PHE A 490 -5.35 -11.89 7.48
C PHE A 490 -6.24 -13.10 7.69
N LEU A 491 -7.35 -12.92 8.40
CA LEU A 491 -8.29 -14.01 8.67
C LEU A 491 -7.60 -15.24 9.25
N SER A 492 -7.73 -16.38 8.55
CA SER A 492 -7.19 -17.64 9.02
C SER A 492 -5.67 -17.69 8.97
N ASN A 493 -5.09 -16.83 8.13
CA ASN A 493 -3.65 -16.79 7.99
C ASN A 493 -2.97 -16.19 9.21
N TYR A 494 -3.77 -15.59 10.08
CA TYR A 494 -3.24 -14.89 11.26
C TYR A 494 -2.47 -15.84 12.17
N GLU A 495 -2.90 -17.09 12.22
CA GLU A 495 -2.23 -18.10 13.03
C GLU A 495 -0.82 -18.35 12.53
N ARG A 496 -0.70 -18.61 11.23
CA ARG A 496 0.61 -18.92 10.66
C ARG A 496 1.55 -17.74 10.75
N LEU A 497 0.98 -16.54 10.71
CA LEU A 497 1.75 -15.31 10.84
C LEU A 497 2.39 -15.19 12.22
N ILE A 498 1.74 -15.76 13.22
CA ILE A 498 2.27 -15.69 14.59
C ILE A 498 3.38 -16.71 14.81
N ARG A 499 3.29 -17.86 14.15
CA ARG A 499 4.36 -18.84 14.18
C ARG A 499 5.58 -18.29 13.45
N ALA A 500 5.33 -17.67 12.30
CA ALA A 500 6.39 -17.09 11.48
C ALA A 500 7.05 -15.91 12.19
N LYS A 501 6.25 -15.15 12.93
CA LYS A 501 6.74 -14.04 13.72
C LYS A 501 7.69 -14.51 14.82
N THR A 502 7.32 -15.60 15.46
CA THR A 502 8.11 -16.13 16.57
C THR A 502 9.44 -16.69 16.08
N LEU A 503 9.45 -17.20 14.85
CA LEU A 503 10.67 -17.79 14.29
C LEU A 503 11.71 -16.73 13.95
N ILE A 504 11.27 -15.64 13.34
CA ILE A 504 12.21 -14.64 12.81
C ILE A 504 12.41 -13.43 13.73
N ASP A 505 11.48 -13.23 14.66
CA ASP A 505 11.57 -12.10 15.58
C ASP A 505 10.84 -12.37 16.89
N PRO A 506 11.32 -13.35 17.67
CA PRO A 506 10.71 -13.64 18.97
C PRO A 506 10.85 -12.46 19.94
N ASN A 507 11.95 -11.74 19.86
CA ASN A 507 12.19 -10.60 20.74
C ASN A 507 11.32 -9.38 20.40
N ASN A 508 10.54 -9.50 19.33
CA ASN A 508 9.63 -8.45 18.94
C ASN A 508 10.37 -7.12 18.74
N VAL A 509 11.55 -7.22 18.16
CA VAL A 509 12.35 -6.05 17.85
C VAL A 509 11.62 -5.16 16.85
N PHE A 510 11.03 -5.79 15.83
CA PHE A 510 10.28 -5.05 14.82
C PHE A 510 8.80 -5.02 15.17
N ASN A 511 8.33 -3.87 15.64
CA ASN A 511 6.95 -3.73 16.08
C ASN A 511 6.36 -2.37 15.73
N HIS A 512 5.05 -2.27 15.90
CA HIS A 512 4.31 -1.03 15.74
C HIS A 512 2.90 -1.33 16.25
N PRO A 513 2.08 -0.29 16.40
CA PRO A 513 0.76 -0.48 17.03
C PRO A 513 -0.03 -1.69 16.52
N GLN A 514 0.12 -2.06 15.25
CA GLN A 514 -0.64 -3.19 14.73
C GLN A 514 0.25 -4.29 14.12
N SER A 515 1.44 -4.48 14.68
CA SER A 515 2.34 -5.53 14.24
C SER A 515 1.91 -6.88 14.82
N ILE A 516 2.27 -7.95 14.11
CA ILE A 516 1.95 -9.30 14.58
C ILE A 516 2.72 -9.59 15.87
N PRO A 517 1.99 -9.89 16.95
CA PRO A 517 2.60 -10.30 18.21
C PRO A 517 3.27 -11.66 18.08
N PRO A 518 4.49 -11.81 18.63
CA PRO A 518 5.15 -13.12 18.73
C PRO A 518 4.60 -13.93 19.90
N MET A 519 4.71 -15.25 19.81
CA MET A 519 4.38 -16.11 20.95
C MET A 519 5.40 -15.88 22.08
N ALA A 520 4.91 -15.60 23.27
CA ALA A 520 5.80 -15.37 24.41
C ALA A 520 5.93 -16.63 25.26
C1 NAG B . 22.48 10.48 2.05
C2 NAG B . 23.63 11.13 1.28
C3 NAG B . 23.16 12.24 0.35
C4 NAG B . 21.87 11.87 -0.39
C5 NAG B . 20.85 11.23 0.54
C6 NAG B . 19.66 10.75 -0.26
C7 NAG B . 25.85 11.18 2.24
C8 NAG B . 26.70 11.58 3.41
N2 NAG B . 24.61 11.65 2.21
O3 NAG B . 24.15 12.55 -0.60
O4 NAG B . 21.35 13.05 -0.95
O5 NAG B . 21.42 10.12 1.20
O6 NAG B . 20.15 9.91 -1.27
O7 NAG B . 26.32 10.46 1.35
C1 NAG B . 21.38 12.97 -2.39
C2 NAG B . 20.26 13.86 -2.94
C3 NAG B . 20.41 14.26 -4.41
C4 NAG B . 21.85 14.37 -4.88
C5 NAG B . 22.73 13.29 -4.28
C6 NAG B . 24.20 13.45 -4.68
C7 NAG B . 18.14 13.80 -1.78
C8 NAG B . 16.79 13.16 -1.63
N2 NAG B . 18.95 13.26 -2.69
O3 NAG B . 19.76 15.49 -4.62
O4 NAG B . 21.85 14.28 -6.29
O5 NAG B . 22.65 13.35 -2.88
O6 NAG B . 24.98 12.58 -3.90
O7 NAG B . 18.44 14.77 -1.09
C1 MAN B . 21.86 15.60 -6.86
C2 MAN B . 23.09 15.70 -7.76
C3 MAN B . 22.92 16.45 -9.10
C4 MAN B . 21.49 16.80 -9.48
C5 MAN B . 20.68 17.07 -8.23
C6 MAN B . 19.26 17.53 -8.53
O2 MAN B . 23.50 14.39 -8.06
O3 MAN B . 23.55 15.65 -10.10
O4 MAN B . 21.51 17.96 -10.28
O5 MAN B . 20.64 15.84 -7.53
O6 MAN B . 18.62 17.95 -7.34
C1 MAN B . 24.70 16.38 -10.60
C2 MAN B . 24.97 16.03 -12.07
C3 MAN B . 25.43 14.59 -12.17
C4 MAN B . 26.65 14.38 -11.28
C5 MAN B . 26.38 14.87 -9.86
C6 MAN B . 27.66 14.83 -9.03
O2 MAN B . 25.93 16.94 -12.57
O3 MAN B . 25.77 14.29 -13.51
O4 MAN B . 26.98 13.01 -11.26
O5 MAN B . 25.89 16.19 -9.85
O6 MAN B . 27.52 15.65 -7.89
C1 MAN B . 25.51 17.47 -13.84
C2 MAN B . 26.69 18.15 -14.53
C3 MAN B . 27.12 19.38 -13.72
C4 MAN B . 25.92 20.29 -13.47
C5 MAN B . 24.73 19.50 -12.93
C6 MAN B . 23.50 20.39 -12.85
O2 MAN B . 26.30 18.52 -15.83
O3 MAN B . 28.12 20.07 -14.43
O4 MAN B . 26.26 21.28 -12.54
O5 MAN B . 24.44 18.39 -13.75
O6 MAN B . 22.36 19.57 -12.67
C1 MAN B . 26.92 17.60 -16.74
C2 MAN B . 27.25 18.34 -18.02
C3 MAN B . 25.95 18.83 -18.64
C4 MAN B . 25.01 17.65 -18.83
C5 MAN B . 24.83 16.91 -17.52
C6 MAN B . 23.91 15.69 -17.66
O2 MAN B . 27.90 17.46 -18.90
O3 MAN B . 26.19 19.49 -19.87
O4 MAN B . 23.76 18.10 -19.31
O5 MAN B . 26.08 16.51 -17.02
O6 MAN B . 24.67 14.51 -17.85
C1 NAG C . -1.83 -1.14 30.52
C2 NAG C . -2.09 0.27 31.05
C3 NAG C . -3.43 0.38 31.76
C4 NAG C . -4.54 -0.23 30.92
C5 NAG C . -4.17 -1.62 30.42
C6 NAG C . -5.21 -2.09 29.42
C7 NAG C . -0.11 1.57 31.60
C8 NAG C . 1.33 1.26 31.96
N2 NAG C . -1.01 0.66 31.95
O3 NAG C . -3.73 1.73 32.00
O4 NAG C . -5.72 -0.33 31.70
O5 NAG C . -2.92 -1.63 29.77
O6 NAG C . -5.24 -1.18 28.35
O7 NAG C . -0.39 2.62 31.01
PA FAD D . 6.14 3.09 4.32
O1A FAD D . 5.56 4.05 5.32
O2A FAD D . 7.57 3.44 3.99
O5B FAD D . 6.07 1.60 4.92
C5B FAD D . 4.84 1.03 5.31
C4B FAD D . 5.10 0.03 6.43
O4B FAD D . 6.01 -0.97 5.99
C3B FAD D . 5.71 0.71 7.63
O3B FAD D . 5.18 0.13 8.80
C2B FAD D . 7.17 0.35 7.56
O2B FAD D . 7.70 0.19 8.84
C1B FAD D . 7.17 -0.97 6.80
N9A FAD D . 8.36 -1.07 5.94
C8A FAD D . 8.86 -0.09 5.12
N7A FAD D . 9.97 -0.57 4.51
C5A FAD D . 10.16 -1.84 4.92
C6A FAD D . 11.14 -2.77 4.59
N6A FAD D . 11.95 -2.55 3.55
N1A FAD D . 11.11 -4.02 5.17
C2A FAD D . 10.11 -4.34 6.07
N3A FAD D . 9.14 -3.41 6.38
C4A FAD D . 9.17 -2.18 5.81
N1 FAD D . -2.14 0.61 -1.30
C2 FAD D . -2.60 -0.38 -2.14
O2 FAD D . -2.58 -1.56 -1.78
N3 FAD D . -2.94 -0.07 -3.45
C4 FAD D . -2.78 1.21 -3.91
O4 FAD D . -3.03 1.46 -5.09
C4X FAD D . -2.31 2.21 -3.05
N5 FAD D . -2.11 3.48 -3.53
C5X FAD D . -1.48 4.42 -2.74
C6 FAD D . -1.19 5.67 -3.27
C7 FAD D . -0.51 6.62 -2.51
C7M FAD D . -0.28 7.99 -3.07
C8 FAD D . -0.17 6.33 -1.19
C8M FAD D . 0.60 7.34 -0.36
C9 FAD D . -0.46 5.07 -0.66
C9A FAD D . -1.10 4.11 -1.44
N10 FAD D . -1.40 2.86 -0.93
C10 FAD D . -1.98 1.90 -1.74
C1' FAD D . -0.95 2.48 0.45
C2' FAD D . 0.34 1.67 0.39
O2' FAD D . 0.11 0.40 -0.21
C3' FAD D . 0.92 1.42 1.78
O3' FAD D . 1.21 2.67 2.38
C4' FAD D . 2.21 0.63 1.66
O4' FAD D . 2.69 0.35 2.96
C5' FAD D . 3.24 1.43 0.88
O5' FAD D . 4.52 1.22 1.43
P FAD D . 5.53 2.47 1.57
O1P FAD D . 6.96 1.98 1.48
O2P FAD D . 5.26 3.48 0.49
O3P FAD D . 5.17 3.07 3.03
C2 REN E . -5.66 9.57 -3.89
C3 REN E . -5.60 10.88 -3.45
C5 REN E . -5.47 11.14 -2.09
C8 REN E . -5.41 10.09 -1.18
C9 REN E . -5.48 8.78 -1.63
C10 REN E . -5.68 7.68 -0.59
C11 REN E . -5.74 6.29 -1.22
N12 REN E . -5.00 6.30 -2.47
C14 REN E . -5.68 7.13 -3.47
C16 REN E . -7.16 6.77 -3.63
C17 REN E . -7.40 5.68 -4.67
C25 REN E . -7.38 5.96 -6.03
C24 REN E . -7.59 4.95 -6.96
C21 REN E . -7.83 3.65 -6.53
O22 REN E . -8.05 2.65 -7.45
C23 REN E . -7.82 2.90 -8.84
C19 REN E . -7.85 3.36 -5.17
O20 REN E . -8.08 2.09 -4.72
C18 REN E . -7.64 4.38 -4.25
C1 REN E . -5.60 8.52 -2.99
C13 REN E . -4.73 4.95 -2.93
O6 REN E . -5.41 12.43 -1.63
C7 REN E . -4.78 12.70 -0.39
O4 REN E . -5.65 11.92 -4.34
#